data_5N3Y
#
_entry.id   5N3Y
#
_cell.length_a   92.681
_cell.length_b   92.681
_cell.length_c   130.671
_cell.angle_alpha   90.00
_cell.angle_beta   90.00
_cell.angle_gamma   120.00
#
_symmetry.space_group_name_H-M   'P 61 2 2'
#
loop_
_entity.id
_entity.type
_entity.pdbx_description
1 polymer Thermolysin
2 non-polymer 'ZINC ION'
3 non-polymer 'CALCIUM ION'
4 non-polymer 'DIMETHYL SULFOXIDE'
5 non-polymer (4S)-2-METHYL-2,4-PENTANEDIOL
6 non-polymer '(2~{S})-3-azanyl-2-[[(2~{S})-4-methyl-2-[[oxidanyl(phenylmethoxycarbonylaminomethyl)phosphoryl]amino]pentanoyl]amino]propanoic acid'
7 water water
#
_entity_poly.entity_id   1
_entity_poly.type   'polypeptide(L)'
_entity_poly.pdbx_seq_one_letter_code
;ITGTSTVGVGRGVLGDQKNINTTYSTYYYLQDNTRGNGIFTYDAKYRTTLPGSLWADADNQFFASYDAPAVDAHYYAGVT
YDYYKNVHNRLSYDGNNAAIRSSVHYSQGYNNAFWNGSQMVYGDGDGQTFIPLSGGIDVVAHELTHAVTDYTAGLIYQNE
SGAINEAISDIFGTLVEFYANKNPDWEIGEDVYTPGISGDSLRSMSDPAKYGDPDHYSKRYTGTQDNGGVHINSGIINKA
AYLISQGGTHYGVSVVGIGRDKLGKIFYRALTQYLTPTSNFSQLRAAAVQSATDLYGSTSQEVASVKQAFDAVGVK
;
_entity_poly.pdbx_strand_id   E
#
loop_
_chem_comp.id
_chem_comp.type
_chem_comp.name
_chem_comp.formula
8L2 non-polymer '(2~{S})-3-azanyl-2-[[(2~{S})-4-methyl-2-[[oxidanyl(phenylmethoxycarbonylaminomethyl)phosphoryl]amino]pentanoyl]amino]propanoic acid' 'C18 H29 N4 O7 P'
CA non-polymer 'CALCIUM ION' 'Ca 2'
DMS non-polymer 'DIMETHYL SULFOXIDE' 'C2 H6 O S'
MPD non-polymer (4S)-2-METHYL-2,4-PENTANEDIOL 'C6 H14 O2'
ZN non-polymer 'ZINC ION' 'Zn 2'
#
# COMPACT_ATOMS: atom_id res chain seq x y z
N ILE A 1 -0.23 2.89 25.72
CA ILE A 1 -0.06 2.73 27.19
C ILE A 1 1.31 3.26 27.61
N THR A 2 1.41 3.65 28.88
CA THR A 2 2.70 4.04 29.44
C THR A 2 3.45 2.80 29.86
N GLY A 3 4.70 2.71 29.45
CA GLY A 3 5.50 1.57 29.81
C GLY A 3 6.89 1.74 29.26
N THR A 4 7.64 0.66 29.21
CA THR A 4 9.02 0.73 28.69
C THR A 4 9.10 -0.04 27.38
N SER A 5 9.92 0.48 26.48
CA SER A 5 10.09 -0.15 25.18
C SER A 5 10.88 -1.43 25.26
N THR A 6 10.36 -2.45 24.60
CA THR A 6 10.91 -3.80 24.64
C THR A 6 10.95 -4.35 23.22
N VAL A 7 11.60 -5.49 23.07
CA VAL A 7 11.73 -6.16 21.77
C VAL A 7 11.30 -7.60 21.92
N GLY A 8 10.17 -7.94 21.30
CA GLY A 8 9.66 -9.29 21.25
C GLY A 8 10.07 -9.99 19.98
N VAL A 9 9.76 -11.27 19.90
N VAL A 9 9.75 -11.27 19.91
CA VAL A 9 10.06 -12.05 18.72
CA VAL A 9 10.08 -12.11 18.77
C VAL A 9 8.83 -12.90 18.42
C VAL A 9 8.82 -12.91 18.42
N GLY A 10 8.59 -13.11 17.13
CA GLY A 10 7.44 -13.88 16.76
C GLY A 10 7.55 -14.39 15.34
N ARG A 11 6.47 -15.01 14.89
CA ARG A 11 6.39 -15.58 13.55
C ARG A 11 5.21 -14.96 12.83
N GLY A 12 5.41 -14.56 11.59
CA GLY A 12 4.35 -14.01 10.79
C GLY A 12 3.51 -15.06 10.09
N VAL A 13 2.60 -14.55 9.25
CA VAL A 13 1.61 -15.38 8.55
C VAL A 13 2.27 -16.44 7.68
N LEU A 14 3.40 -16.11 7.06
CA LEU A 14 4.12 -17.04 6.19
C LEU A 14 5.14 -17.88 6.94
N GLY A 15 5.20 -17.80 8.27
CA GLY A 15 6.06 -18.69 9.02
C GLY A 15 7.44 -18.15 9.30
N ASP A 16 7.69 -16.89 8.96
CA ASP A 16 9.01 -16.30 9.10
C ASP A 16 9.14 -15.62 10.45
N GLN A 17 10.33 -15.74 11.04
CA GLN A 17 10.59 -15.13 12.34
C GLN A 17 11.03 -13.67 12.19
N LYS A 18 10.53 -12.81 13.07
CA LYS A 18 10.96 -11.42 13.05
C LYS A 18 10.86 -10.85 14.46
N ASN A 19 11.69 -9.86 14.72
CA ASN A 19 11.61 -9.09 15.95
C ASN A 19 10.59 -7.99 15.79
N ILE A 20 9.89 -7.69 16.88
N ILE A 20 9.91 -7.68 16.89
CA ILE A 20 8.91 -6.61 16.89
CA ILE A 20 8.87 -6.64 16.91
C ILE A 20 9.13 -5.73 18.11
C ILE A 20 9.07 -5.76 18.13
N ASN A 21 8.84 -4.46 17.92
CA ASN A 21 8.92 -3.48 18.99
C ASN A 21 7.64 -3.50 19.81
N THR A 22 7.79 -3.74 21.10
CA THR A 22 6.67 -3.88 22.02
C THR A 22 6.84 -2.90 23.19
N THR A 23 5.85 -2.86 24.07
CA THR A 23 5.88 -2.05 25.27
C THR A 23 5.51 -2.92 26.47
N TYR A 24 6.29 -2.87 27.53
CA TYR A 24 6.00 -3.64 28.73
C TYR A 24 5.39 -2.76 29.81
N SER A 25 4.23 -3.19 30.29
CA SER A 25 3.56 -2.65 31.47
C SER A 25 2.58 -3.74 31.89
N THR A 26 3.03 -4.63 32.80
CA THR A 26 2.36 -5.85 33.24
C THR A 26 2.32 -6.93 32.13
N TYR A 27 1.72 -6.57 31.01
CA TYR A 27 1.78 -7.33 29.78
C TYR A 27 2.76 -6.68 28.81
N TYR A 28 3.10 -7.43 27.78
CA TYR A 28 3.79 -6.92 26.60
C TYR A 28 2.76 -6.58 25.53
N TYR A 29 2.74 -5.33 25.08
CA TYR A 29 1.76 -4.84 24.13
C TYR A 29 2.40 -4.63 22.78
N LEU A 30 1.61 -4.84 21.72
CA LEU A 30 2.03 -4.47 20.36
C LEU A 30 1.91 -2.95 20.20
N GLN A 31 2.92 -2.28 20.77
CA GLN A 31 3.03 -0.82 20.78
C GLN A 31 4.51 -0.54 20.56
N ASP A 32 4.81 -0.04 19.37
CA ASP A 32 6.16 0.32 18.95
C ASP A 32 6.37 1.80 19.18
N ASN A 33 7.20 2.14 20.18
CA ASN A 33 7.45 3.54 20.51
C ASN A 33 8.59 4.13 19.72
N THR A 34 9.23 3.34 18.85
CA THR A 34 10.45 3.79 18.16
C THR A 34 10.14 4.63 16.94
N ARG A 35 8.89 4.71 16.53
CA ARG A 35 8.49 5.35 15.29
C ARG A 35 7.39 6.37 15.58
N GLY A 36 7.71 7.65 15.39
CA GLY A 36 6.73 8.69 15.55
C GLY A 36 6.08 8.67 16.91
N ASN A 37 4.76 8.85 16.92
CA ASN A 37 3.97 8.75 18.14
C ASN A 37 3.38 7.38 18.32
N GLY A 38 4.00 6.38 17.75
CA GLY A 38 3.73 5.00 18.04
C GLY A 38 3.02 4.28 16.89
N ILE A 39 3.20 2.97 16.87
CA ILE A 39 2.46 2.04 16.03
C ILE A 39 1.79 1.08 17.00
N PHE A 40 0.47 0.93 16.86
CA PHE A 40 -0.35 0.20 17.81
C PHE A 40 -1.16 -0.83 17.05
N THR A 41 -1.11 -2.09 17.50
CA THR A 41 -1.82 -3.16 16.85
C THR A 41 -2.82 -3.79 17.83
N TYR A 42 -4.04 -4.01 17.35
CA TYR A 42 -5.21 -4.37 18.13
C TYR A 42 -5.78 -5.72 17.67
N ASP A 43 -6.43 -6.40 18.61
CA ASP A 43 -7.17 -7.65 18.34
C ASP A 43 -8.65 -7.30 18.20
N ALA A 44 -9.21 -7.49 17.00
CA ALA A 44 -10.65 -7.36 16.80
C ALA A 44 -11.45 -8.63 17.12
N LYS A 45 -10.77 -9.74 17.42
CA LYS A 45 -11.38 -10.93 18.02
C LYS A 45 -12.52 -11.52 17.19
N TYR A 46 -12.39 -11.48 15.87
CA TYR A 46 -13.36 -11.96 14.90
C TYR A 46 -14.64 -11.13 14.82
N ARG A 47 -14.70 -9.99 15.51
CA ARG A 47 -15.85 -9.12 15.47
C ARG A 47 -15.59 -7.93 14.57
N THR A 48 -16.59 -7.07 14.46
CA THR A 48 -16.54 -5.92 13.58
C THR A 48 -16.52 -4.60 14.35
N THR A 49 -16.44 -4.65 15.69
N THR A 49 -16.52 -4.66 15.69
CA THR A 49 -16.32 -3.45 16.51
CA THR A 49 -16.28 -3.48 16.50
C THR A 49 -14.85 -3.07 16.63
C THR A 49 -14.81 -3.12 16.40
N LEU A 50 -14.54 -1.83 16.27
CA LEU A 50 -13.18 -1.35 16.12
C LEU A 50 -12.84 -0.28 17.14
N PRO A 51 -11.58 -0.24 17.60
CA PRO A 51 -10.47 -1.07 17.11
C PRO A 51 -10.36 -2.46 17.74
N GLY A 52 -11.11 -2.72 18.80
CA GLY A 52 -10.85 -3.90 19.59
C GLY A 52 -9.88 -3.54 20.70
N SER A 53 -9.17 -4.54 21.21
N SER A 53 -9.11 -4.52 21.13
CA SER A 53 -8.29 -4.32 22.36
CA SER A 53 -8.26 -4.39 22.30
C SER A 53 -6.81 -4.29 21.94
C SER A 53 -6.79 -4.28 21.89
N LEU A 54 -6.05 -3.37 22.52
CA LEU A 54 -4.63 -3.29 22.21
C LEU A 54 -4.00 -4.65 22.49
N TRP A 55 -3.21 -5.16 21.55
CA TRP A 55 -2.75 -6.55 21.65
C TRP A 55 -1.84 -6.75 22.85
N ALA A 56 -2.24 -7.62 23.76
CA ALA A 56 -1.51 -7.94 25.00
C ALA A 56 -1.04 -9.37 24.97
N ASP A 57 0.20 -9.58 25.43
CA ASP A 57 0.82 -10.89 25.44
C ASP A 57 1.62 -11.04 26.73
N ALA A 58 1.54 -12.23 27.33
CA ALA A 58 2.16 -12.43 28.64
C ALA A 58 3.70 -12.47 28.61
N ASP A 59 4.32 -12.96 27.54
CA ASP A 59 5.75 -13.29 27.58
C ASP A 59 6.61 -12.66 26.48
N ASN A 60 6.05 -11.80 25.62
CA ASN A 60 6.82 -11.14 24.58
C ASN A 60 7.27 -12.08 23.46
N GLN A 61 6.69 -13.27 23.37
CA GLN A 61 6.95 -14.23 22.31
C GLN A 61 5.63 -14.43 21.56
N PHE A 62 5.68 -14.33 20.25
CA PHE A 62 4.47 -14.27 19.43
C PHE A 62 4.52 -15.35 18.35
N PHE A 63 4.55 -16.62 18.79
CA PHE A 63 4.65 -17.77 17.91
C PHE A 63 3.37 -18.55 17.75
N ALA A 64 2.28 -18.13 18.37
CA ALA A 64 1.02 -18.85 18.23
C ALA A 64 0.41 -18.52 16.87
N SER A 65 -0.35 -19.46 16.34
CA SER A 65 -1.04 -19.21 15.08
C SER A 65 -1.89 -17.94 15.15
N TYR A 66 -2.59 -17.73 16.27
CA TYR A 66 -3.46 -16.56 16.40
C TYR A 66 -2.64 -15.27 16.39
N ASP A 67 -1.36 -15.32 16.76
CA ASP A 67 -0.51 -14.13 16.81
C ASP A 67 -0.03 -13.69 15.42
N ALA A 68 0.04 -14.60 14.45
CA ALA A 68 0.76 -14.33 13.21
C ALA A 68 0.24 -13.09 12.47
N PRO A 69 -1.07 -12.88 12.32
CA PRO A 69 -1.50 -11.67 11.60
C PRO A 69 -1.13 -10.40 12.32
N ALA A 70 -1.09 -10.43 13.66
CA ALA A 70 -0.73 -9.26 14.44
C ALA A 70 0.75 -8.93 14.27
N VAL A 71 1.60 -9.95 14.32
CA VAL A 71 3.03 -9.77 14.11
C VAL A 71 3.28 -9.02 12.80
N ASP A 72 2.65 -9.48 11.72
CA ASP A 72 2.91 -8.91 10.40
C ASP A 72 2.29 -7.52 10.25
N ALA A 73 1.07 -7.30 10.75
CA ALA A 73 0.48 -5.98 10.66
C ALA A 73 1.39 -4.97 11.35
N HIS A 74 1.90 -5.34 12.52
CA HIS A 74 2.72 -4.46 13.34
C HIS A 74 4.05 -4.20 12.65
N TYR A 75 4.73 -5.29 12.22
CA TYR A 75 6.05 -5.18 11.63
C TYR A 75 6.01 -4.43 10.29
N TYR A 76 5.05 -4.78 9.43
CA TYR A 76 5.00 -4.15 8.11
C TYR A 76 4.53 -2.70 8.20
N ALA A 77 3.74 -2.34 9.20
CA ALA A 77 3.47 -0.92 9.41
C ALA A 77 4.76 -0.18 9.71
N GLY A 78 5.66 -0.81 10.50
CA GLY A 78 6.95 -0.21 10.76
C GLY A 78 7.79 -0.02 9.52
N VAL A 79 7.80 -1.03 8.64
CA VAL A 79 8.56 -0.89 7.40
C VAL A 79 7.99 0.26 6.55
N THR A 80 6.66 0.35 6.49
CA THR A 80 6.02 1.38 5.69
C THR A 80 6.31 2.77 6.25
N TYR A 81 6.24 2.93 7.58
CA TYR A 81 6.65 4.17 8.22
C TYR A 81 8.08 4.54 7.81
N ASP A 82 8.97 3.56 7.86
CA ASP A 82 10.37 3.81 7.53
C ASP A 82 10.52 4.26 6.09
N TYR A 83 9.80 3.61 5.17
CA TYR A 83 9.87 4.02 3.77
C TYR A 83 9.48 5.48 3.62
N TYR A 84 8.32 5.86 4.16
CA TYR A 84 7.89 7.25 3.98
C TYR A 84 8.87 8.24 4.64
N LYS A 85 9.39 7.90 5.82
CA LYS A 85 10.29 8.81 6.50
C LYS A 85 11.63 8.89 5.79
N ASN A 86 12.23 7.75 5.46
CA ASN A 86 13.59 7.73 4.95
C ASN A 86 13.66 8.14 3.49
N VAL A 87 12.66 7.77 2.71
CA VAL A 87 12.67 8.03 1.28
C VAL A 87 12.03 9.37 0.94
N HIS A 88 10.93 9.75 1.62
CA HIS A 88 10.18 10.94 1.26
C HIS A 88 10.17 12.01 2.35
N ASN A 89 10.88 11.79 3.45
CA ASN A 89 10.92 12.76 4.53
C ASN A 89 9.51 13.08 5.02
N ARG A 90 8.63 12.06 5.05
CA ARG A 90 7.26 12.21 5.56
C ARG A 90 7.14 11.45 6.87
N LEU A 91 6.63 12.11 7.90
CA LEU A 91 6.49 11.57 9.24
C LEU A 91 5.06 11.07 9.44
N SER A 92 4.90 9.75 9.32
CA SER A 92 3.59 9.11 9.35
C SER A 92 2.63 9.61 8.28
N TYR A 93 1.38 9.19 8.35
CA TYR A 93 0.46 9.45 7.25
C TYR A 93 0.06 10.90 7.16
N ASP A 94 0.02 11.61 8.30
CA ASP A 94 -0.40 13.01 8.32
C ASP A 94 0.77 13.98 8.23
N GLY A 95 2.00 13.49 8.14
CA GLY A 95 3.18 14.32 8.13
C GLY A 95 3.59 14.86 9.47
N ASN A 96 2.86 14.57 10.55
N ASN A 96 2.85 14.52 10.52
CA ASN A 96 3.21 15.07 11.88
CA ASN A 96 3.01 15.01 11.88
C ASN A 96 3.27 13.92 12.88
C ASN A 96 3.06 13.85 12.85
N ASN A 97 3.60 12.71 12.41
CA ASN A 97 3.82 11.56 13.27
C ASN A 97 2.55 11.08 13.98
N ALA A 98 1.40 11.16 13.31
CA ALA A 98 0.20 10.55 13.88
C ALA A 98 0.43 9.08 14.24
N ALA A 99 -0.13 8.66 15.37
CA ALA A 99 -0.09 7.26 15.75
C ALA A 99 -0.74 6.41 14.67
N ILE A 100 -0.12 5.28 14.37
CA ILE A 100 -0.60 4.36 13.35
C ILE A 100 -1.25 3.19 14.06
N ARG A 101 -2.54 2.97 13.79
CA ARG A 101 -3.33 1.93 14.44
C ARG A 101 -3.84 0.91 13.42
N SER A 102 -3.69 -0.36 13.75
CA SER A 102 -4.21 -1.46 12.94
C SER A 102 -4.94 -2.46 13.80
N SER A 103 -6.04 -3.03 13.27
CA SER A 103 -6.72 -4.15 13.90
C SER A 103 -6.66 -5.37 13.00
N VAL A 104 -6.40 -6.53 13.59
CA VAL A 104 -6.38 -7.80 12.90
C VAL A 104 -7.47 -8.70 13.47
N HIS A 105 -7.67 -9.84 12.81
CA HIS A 105 -8.78 -10.71 13.13
C HIS A 105 -10.12 -9.98 13.02
N TYR A 106 -10.26 -9.14 12.01
CA TYR A 106 -11.53 -8.46 11.77
C TYR A 106 -12.53 -9.39 11.11
N SER A 107 -13.68 -9.53 11.74
CA SER A 107 -14.80 -10.32 11.23
C SER A 107 -14.42 -11.79 11.09
N GLN A 108 -15.21 -12.55 10.34
CA GLN A 108 -15.02 -13.96 10.09
C GLN A 108 -14.97 -14.20 8.59
N GLY A 109 -13.92 -14.88 8.15
CA GLY A 109 -13.77 -15.18 6.74
C GLY A 109 -13.69 -13.96 5.85
N TYR A 110 -13.11 -12.86 6.35
CA TYR A 110 -13.21 -11.57 5.68
C TYR A 110 -12.05 -11.43 4.68
N ASN A 111 -12.40 -11.40 3.40
CA ASN A 111 -11.47 -11.38 2.27
C ASN A 111 -11.10 -9.96 1.86
N ASN A 112 -10.65 -9.15 2.82
CA ASN A 112 -10.29 -7.79 2.45
C ASN A 112 -9.50 -7.15 3.59
N ALA A 113 -9.03 -5.95 3.30
CA ALA A 113 -8.36 -5.06 4.23
C ALA A 113 -8.72 -3.65 3.81
N PHE A 114 -8.70 -2.72 4.76
CA PHE A 114 -9.10 -1.36 4.44
C PHE A 114 -8.58 -0.38 5.47
N TRP A 115 -8.55 0.88 5.06
CA TRP A 115 -8.42 2.04 5.95
C TRP A 115 -9.84 2.59 6.15
N ASN A 116 -10.26 2.76 7.41
CA ASN A 116 -11.63 3.11 7.71
C ASN A 116 -11.85 4.59 7.95
N GLY A 117 -10.86 5.41 7.60
CA GLY A 117 -10.86 6.84 7.92
C GLY A 117 -9.97 7.19 9.08
N SER A 118 -9.64 6.19 9.90
CA SER A 118 -8.88 6.41 11.14
C SER A 118 -7.84 5.34 11.44
N GLN A 119 -7.93 4.16 10.85
CA GLN A 119 -7.05 3.05 11.18
C GLN A 119 -7.08 2.04 10.05
N MET A 120 -6.12 1.13 10.07
CA MET A 120 -6.08 -0.02 9.17
C MET A 120 -6.81 -1.21 9.81
N VAL A 121 -7.42 -2.01 8.94
CA VAL A 121 -8.24 -3.16 9.34
C VAL A 121 -7.93 -4.33 8.42
N TYR A 122 -7.66 -5.50 8.99
CA TYR A 122 -7.29 -6.68 8.21
C TYR A 122 -8.18 -7.87 8.54
N GLY A 123 -8.81 -8.43 7.53
CA GLY A 123 -9.43 -9.73 7.66
C GLY A 123 -8.42 -10.87 7.74
N ASP A 124 -8.92 -12.03 8.16
CA ASP A 124 -8.15 -13.27 8.14
C ASP A 124 -8.28 -14.00 6.83
N GLY A 125 -9.18 -13.57 5.93
CA GLY A 125 -9.49 -14.36 4.76
C GLY A 125 -10.30 -15.57 5.10
N ASP A 126 -10.77 -16.28 4.08
CA ASP A 126 -11.50 -17.51 4.27
C ASP A 126 -10.64 -18.74 4.03
N GLY A 127 -9.35 -18.55 3.83
CA GLY A 127 -8.44 -19.64 3.57
C GLY A 127 -8.44 -20.13 2.15
N GLN A 128 -9.35 -19.63 1.32
CA GLN A 128 -9.44 -19.99 -0.09
C GLN A 128 -9.04 -18.84 -0.98
N THR A 129 -9.72 -17.71 -0.88
CA THR A 129 -9.35 -16.53 -1.64
C THR A 129 -8.16 -15.82 -0.99
N PHE A 130 -8.13 -15.71 0.35
CA PHE A 130 -7.04 -15.06 1.07
C PHE A 130 -6.73 -15.85 2.33
N ILE A 131 -5.46 -15.77 2.73
CA ILE A 131 -5.03 -16.01 4.12
C ILE A 131 -4.90 -14.64 4.79
N PRO A 132 -4.54 -14.55 6.06
CA PRO A 132 -4.65 -13.25 6.73
C PRO A 132 -3.86 -12.17 6.00
N LEU A 133 -4.55 -11.07 5.72
CA LEU A 133 -4.07 -10.19 4.65
C LEU A 133 -2.88 -9.34 5.07
N SER A 134 -2.64 -9.17 6.37
CA SER A 134 -1.45 -8.49 6.81
C SER A 134 -0.17 -9.24 6.47
N GLY A 135 -0.26 -10.49 6.02
CA GLY A 135 0.93 -11.18 5.61
C GLY A 135 1.57 -10.64 4.35
N GLY A 136 0.90 -9.73 3.63
CA GLY A 136 1.47 -9.13 2.44
C GLY A 136 1.98 -7.73 2.73
N ILE A 137 3.27 -7.52 2.55
CA ILE A 137 3.83 -6.20 2.80
C ILE A 137 3.22 -5.18 1.85
N ASP A 138 3.01 -5.56 0.59
CA ASP A 138 2.37 -4.65 -0.36
C ASP A 138 0.95 -4.32 0.07
N VAL A 139 0.22 -5.27 0.69
CA VAL A 139 -1.12 -5.00 1.21
C VAL A 139 -1.06 -3.97 2.35
N VAL A 140 -0.20 -4.22 3.35
CA VAL A 140 -0.08 -3.29 4.46
C VAL A 140 0.24 -1.88 3.95
N ALA A 141 1.22 -1.77 3.05
CA ALA A 141 1.60 -0.46 2.57
C ALA A 141 0.50 0.14 1.70
N HIS A 142 -0.24 -0.69 0.95
CA HIS A 142 -1.42 -0.22 0.21
C HIS A 142 -2.40 0.46 1.18
N GLU A 143 -2.68 -0.19 2.30
CA GLU A 143 -3.64 0.35 3.26
C GLU A 143 -3.15 1.65 3.89
N LEU A 144 -1.89 1.67 4.34
CA LEU A 144 -1.40 2.89 4.97
C LEU A 144 -1.34 4.03 3.95
N THR A 145 -1.08 3.69 2.69
CA THR A 145 -1.03 4.72 1.68
C THR A 145 -2.41 5.37 1.44
N HIS A 146 -3.52 4.65 1.67
CA HIS A 146 -4.81 5.32 1.64
C HIS A 146 -4.89 6.46 2.64
N ALA A 147 -4.34 6.26 3.81
CA ALA A 147 -4.30 7.34 4.80
C ALA A 147 -3.45 8.52 4.32
N VAL A 148 -2.30 8.24 3.71
CA VAL A 148 -1.47 9.30 3.12
C VAL A 148 -2.26 10.07 2.07
N THR A 149 -2.89 9.35 1.14
CA THR A 149 -3.70 9.99 0.12
C THR A 149 -4.78 10.87 0.76
N ASP A 150 -5.50 10.33 1.75
CA ASP A 150 -6.61 11.07 2.34
C ASP A 150 -6.15 12.36 3.00
N TYR A 151 -4.96 12.37 3.58
CA TYR A 151 -4.40 13.54 4.22
C TYR A 151 -3.80 14.55 3.24
N THR A 152 -3.56 14.14 1.99
CA THR A 152 -2.84 14.96 1.04
C THR A 152 -3.79 15.28 -0.10
N ALA A 153 -3.70 14.59 -1.25
CA ALA A 153 -4.53 14.92 -2.39
C ALA A 153 -6.02 14.79 -2.06
N GLY A 154 -6.40 13.81 -1.24
CA GLY A 154 -7.80 13.69 -0.86
C GLY A 154 -8.70 13.11 -1.94
N LEU A 155 -8.13 12.37 -2.87
CA LEU A 155 -8.83 11.81 -4.01
C LEU A 155 -10.11 11.09 -3.60
N ILE A 156 -11.22 11.58 -4.14
CA ILE A 156 -12.55 11.03 -3.85
C ILE A 156 -12.60 9.59 -4.38
N TYR A 157 -13.21 8.69 -3.62
CA TYR A 157 -13.12 7.26 -3.90
C TYR A 157 -14.20 6.77 -4.88
N GLN A 158 -14.17 7.35 -6.09
CA GLN A 158 -15.09 6.91 -7.14
C GLN A 158 -14.54 7.36 -8.48
N ASN A 159 -14.90 6.62 -9.53
CA ASN A 159 -14.56 6.99 -10.91
C ASN A 159 -13.07 7.25 -11.07
N GLU A 160 -12.67 8.24 -11.88
CA GLU A 160 -11.24 8.35 -12.18
C GLU A 160 -10.42 8.75 -10.96
N SER A 161 -10.90 9.70 -10.15
CA SER A 161 -10.14 10.09 -8.97
C SER A 161 -9.93 8.88 -8.07
N GLY A 162 -10.94 8.00 -7.97
CA GLY A 162 -10.85 6.82 -7.14
C GLY A 162 -9.91 5.77 -7.70
N ALA A 163 -9.85 5.66 -9.04
CA ALA A 163 -8.87 4.76 -9.66
C ALA A 163 -7.45 5.26 -9.46
N ILE A 164 -7.25 6.58 -9.49
CA ILE A 164 -5.94 7.13 -9.14
C ILE A 164 -5.61 6.81 -7.68
N ASN A 165 -6.58 7.04 -6.79
CA ASN A 165 -6.42 6.70 -5.38
C ASN A 165 -5.93 5.26 -5.22
N GLU A 166 -6.60 4.32 -5.89
CA GLU A 166 -6.21 2.91 -5.86
C GLU A 166 -4.81 2.71 -6.40
N ALA A 167 -4.51 3.30 -7.57
CA ALA A 167 -3.19 3.10 -8.17
C ALA A 167 -2.09 3.64 -7.26
N ILE A 168 -2.33 4.78 -6.61
CA ILE A 168 -1.33 5.33 -5.70
C ILE A 168 -1.02 4.30 -4.61
N SER A 169 -2.05 3.67 -4.06
CA SER A 169 -1.85 2.64 -3.04
C SER A 169 -1.12 1.42 -3.59
N ASP A 170 -1.42 1.00 -4.83
CA ASP A 170 -0.67 -0.13 -5.42
C ASP A 170 0.77 0.24 -5.72
N ILE A 171 1.00 1.46 -6.22
CA ILE A 171 2.34 1.94 -6.56
C ILE A 171 3.20 1.98 -5.30
N PHE A 172 2.74 2.68 -4.27
CA PHE A 172 3.53 2.74 -3.05
C PHE A 172 3.57 1.43 -2.29
N GLY A 173 2.52 0.61 -2.38
CA GLY A 173 2.61 -0.73 -1.82
C GLY A 173 3.76 -1.50 -2.43
N THR A 174 3.89 -1.41 -3.74
CA THR A 174 4.96 -2.07 -4.48
C THR A 174 6.33 -1.46 -4.17
N LEU A 175 6.41 -0.12 -4.09
CA LEU A 175 7.69 0.50 -3.76
C LEU A 175 8.14 0.15 -2.35
N VAL A 176 7.20 -0.02 -1.42
CA VAL A 176 7.57 -0.48 -0.07
C VAL A 176 8.04 -1.93 -0.13
N GLU A 177 7.36 -2.76 -0.93
CA GLU A 177 7.80 -4.14 -1.10
C GLU A 177 9.24 -4.19 -1.62
N PHE A 178 9.57 -3.35 -2.61
CA PHE A 178 10.94 -3.30 -3.10
C PHE A 178 11.90 -2.76 -2.04
N TYR A 179 11.47 -1.77 -1.25
CA TYR A 179 12.31 -1.21 -0.18
C TYR A 179 12.71 -2.29 0.80
N ALA A 180 11.78 -3.14 1.20
CA ALA A 180 12.09 -4.23 2.12
C ALA A 180 12.94 -5.29 1.44
N ASN A 181 12.75 -5.47 0.13
CA ASN A 181 13.61 -6.28 -0.74
C ASN A 181 13.52 -7.78 -0.46
N LYS A 182 12.34 -8.26 -0.12
CA LYS A 182 12.09 -9.71 0.02
C LYS A 182 11.08 -10.13 -1.05
N ASN A 183 11.55 -10.88 -2.02
CA ASN A 183 10.75 -11.35 -3.14
C ASN A 183 9.93 -10.24 -3.81
N PRO A 184 10.56 -9.11 -4.15
CA PRO A 184 9.77 -7.99 -4.67
C PRO A 184 9.35 -8.24 -6.11
N ASP A 185 8.18 -7.70 -6.44
CA ASP A 185 7.61 -7.83 -7.76
C ASP A 185 6.67 -6.65 -8.00
N TRP A 186 6.09 -6.64 -9.20
CA TRP A 186 5.10 -5.66 -9.63
C TRP A 186 3.68 -6.22 -9.59
N GLU A 187 3.46 -7.24 -8.76
CA GLU A 187 2.16 -7.87 -8.54
C GLU A 187 1.62 -7.42 -7.20
N ILE A 188 0.31 -7.49 -7.02
CA ILE A 188 -0.33 -7.03 -5.78
C ILE A 188 -0.95 -8.21 -5.04
N GLY A 189 -0.50 -8.43 -3.80
CA GLY A 189 -1.12 -9.36 -2.89
C GLY A 189 -0.75 -10.82 -3.06
N GLU A 190 0.25 -11.11 -3.86
CA GLU A 190 0.62 -12.49 -4.18
C GLU A 190 0.94 -13.31 -2.94
N ASP A 191 1.46 -12.70 -1.87
CA ASP A 191 1.87 -13.51 -0.72
C ASP A 191 0.70 -14.01 0.11
N VAL A 192 -0.50 -13.44 -0.04
CA VAL A 192 -1.64 -13.83 0.76
C VAL A 192 -2.84 -14.26 -0.07
N TYR A 193 -2.76 -14.18 -1.39
CA TYR A 193 -3.87 -14.51 -2.27
C TYR A 193 -3.84 -15.98 -2.66
N THR A 194 -5.02 -16.62 -2.64
CA THR A 194 -5.25 -17.97 -3.20
C THR A 194 -4.14 -18.94 -2.80
N PRO A 195 -4.10 -19.39 -1.55
CA PRO A 195 -3.03 -20.33 -1.16
C PRO A 195 -3.01 -21.61 -1.99
N GLY A 196 -4.11 -21.99 -2.59
CA GLY A 196 -4.08 -23.20 -3.39
C GLY A 196 -3.66 -23.02 -4.85
N ILE A 197 -3.38 -21.80 -5.28
CA ILE A 197 -2.98 -21.49 -6.66
C ILE A 197 -1.62 -20.76 -6.60
N SER A 198 -0.61 -21.34 -7.19
CA SER A 198 0.70 -20.70 -7.22
C SER A 198 0.78 -19.73 -8.39
N GLY A 199 1.55 -18.67 -8.20
CA GLY A 199 1.94 -17.84 -9.31
C GLY A 199 0.96 -16.77 -9.72
N ASP A 200 -0.14 -16.59 -8.99
CA ASP A 200 -1.14 -15.59 -9.28
C ASP A 200 -1.08 -14.47 -8.25
N SER A 201 -1.97 -13.50 -8.44
CA SER A 201 -2.01 -12.33 -7.56
C SER A 201 -3.36 -11.68 -7.78
N LEU A 202 -3.68 -10.70 -6.94
CA LEU A 202 -4.95 -10.02 -7.08
C LEU A 202 -4.96 -9.07 -8.28
N ARG A 203 -3.88 -8.33 -8.48
CA ARG A 203 -3.67 -7.47 -9.62
C ARG A 203 -2.23 -7.59 -10.06
N SER A 204 -1.98 -7.22 -11.31
CA SER A 204 -0.64 -7.08 -11.85
C SER A 204 -0.49 -5.65 -12.33
N MET A 205 0.63 -5.01 -11.95
CA MET A 205 0.96 -3.72 -12.51
C MET A 205 1.69 -3.84 -13.84
N SER A 206 2.50 -4.89 -13.98
CA SER A 206 3.26 -5.09 -15.21
C SER A 206 2.37 -5.52 -16.36
N ASP A 207 1.29 -6.22 -16.08
CA ASP A 207 0.36 -6.67 -17.12
C ASP A 207 -1.03 -6.76 -16.51
N PRO A 208 -1.69 -5.62 -16.29
CA PRO A 208 -3.01 -5.65 -15.65
C PRO A 208 -4.00 -6.56 -16.31
N ALA A 209 -3.89 -6.73 -17.62
CA ALA A 209 -4.87 -7.50 -18.36
C ALA A 209 -4.81 -8.99 -18.01
N LYS A 210 -3.74 -9.46 -17.38
CA LYS A 210 -3.64 -10.85 -16.94
C LYS A 210 -4.80 -11.21 -16.03
N TYR A 211 -5.34 -10.24 -15.29
CA TYR A 211 -6.51 -10.46 -14.43
C TYR A 211 -7.75 -9.72 -14.91
N GLY A 212 -7.78 -9.32 -16.19
CA GLY A 212 -8.94 -8.67 -16.77
C GLY A 212 -9.01 -7.19 -16.54
N ASP A 213 -8.00 -6.58 -15.95
CA ASP A 213 -8.03 -5.14 -15.73
C ASP A 213 -7.46 -4.41 -16.95
N PRO A 214 -7.98 -3.22 -17.25
CA PRO A 214 -7.54 -2.50 -18.43
C PRO A 214 -6.10 -2.02 -18.32
N ASP A 215 -5.44 -1.98 -19.49
CA ASP A 215 -4.09 -1.48 -19.64
C ASP A 215 -4.02 -0.36 -20.67
N HIS A 216 -5.16 0.25 -20.95
CA HIS A 216 -5.27 1.33 -21.91
C HIS A 216 -6.59 2.04 -21.63
N TYR A 217 -6.56 3.37 -21.71
CA TYR A 217 -7.75 4.17 -21.43
C TYR A 217 -8.95 3.76 -22.27
N SER A 218 -8.73 3.30 -23.51
CA SER A 218 -9.84 2.90 -24.36
C SER A 218 -10.57 1.67 -23.84
N LYS A 219 -10.00 0.96 -22.86
CA LYS A 219 -10.61 -0.23 -22.28
C LYS A 219 -11.15 0.04 -20.89
N ARG A 220 -11.27 1.32 -20.50
CA ARG A 220 -11.74 1.63 -19.17
C ARG A 220 -13.16 1.16 -18.95
N TYR A 221 -13.45 0.82 -17.70
CA TYR A 221 -14.79 0.49 -17.25
C TYR A 221 -15.55 1.76 -16.90
N THR A 222 -16.81 1.79 -17.34
CA THR A 222 -17.62 2.99 -17.23
C THR A 222 -18.91 2.74 -16.45
N GLY A 223 -19.07 1.56 -15.86
CA GLY A 223 -20.26 1.23 -15.10
C GLY A 223 -20.15 1.68 -13.66
N THR A 224 -21.06 1.14 -12.83
CA THR A 224 -21.18 1.61 -11.44
C THR A 224 -20.63 0.66 -10.40
N GLN A 225 -20.32 -0.58 -10.77
CA GLN A 225 -19.78 -1.51 -9.79
C GLN A 225 -18.46 -0.98 -9.25
N ASP A 226 -18.13 -1.37 -8.03
CA ASP A 226 -16.80 -1.09 -7.47
C ASP A 226 -16.52 0.42 -7.47
N ASN A 227 -17.52 1.22 -7.11
CA ASN A 227 -17.38 2.67 -7.06
C ASN A 227 -16.95 3.25 -8.40
N GLY A 228 -17.49 2.68 -9.48
CA GLY A 228 -17.08 3.07 -10.81
C GLY A 228 -15.78 2.47 -11.24
N GLY A 229 -15.45 1.28 -10.77
CA GLY A 229 -14.27 0.56 -11.22
C GLY A 229 -12.97 0.99 -10.61
N VAL A 230 -12.95 1.42 -9.35
CA VAL A 230 -11.70 1.94 -8.79
C VAL A 230 -10.58 0.92 -8.74
N HIS A 231 -10.91 -0.37 -8.52
CA HIS A 231 -9.92 -1.44 -8.51
C HIS A 231 -9.68 -2.07 -9.87
N ILE A 232 -10.38 -1.56 -10.89
CA ILE A 232 -10.31 -2.05 -12.25
C ILE A 232 -9.53 -1.06 -13.10
N ASN A 233 -10.02 0.19 -13.16
CA ASN A 233 -9.36 1.25 -13.90
C ASN A 233 -8.03 1.67 -13.29
N SER A 234 -7.74 1.28 -12.05
CA SER A 234 -6.39 1.47 -11.52
C SER A 234 -5.35 0.81 -12.40
N GLY A 235 -5.71 -0.23 -13.17
CA GLY A 235 -4.75 -0.89 -14.03
C GLY A 235 -4.14 0.04 -15.07
N ILE A 236 -4.90 1.03 -15.51
CA ILE A 236 -4.39 1.96 -16.51
C ILE A 236 -3.25 2.77 -15.94
N ILE A 237 -3.41 3.27 -14.71
CA ILE A 237 -2.38 4.06 -14.06
C ILE A 237 -1.24 3.18 -13.56
N ASN A 238 -1.56 1.99 -13.05
CA ASN A 238 -0.52 1.06 -12.63
C ASN A 238 0.39 0.73 -13.80
N LYS A 239 -0.20 0.48 -14.97
CA LYS A 239 0.60 0.20 -16.16
C LYS A 239 1.49 1.38 -16.52
N ALA A 240 0.94 2.59 -16.46
CA ALA A 240 1.77 3.77 -16.74
C ALA A 240 2.96 3.85 -15.78
N ALA A 241 2.70 3.62 -14.49
CA ALA A 241 3.76 3.70 -13.48
C ALA A 241 4.83 2.64 -13.71
N TYR A 242 4.38 1.41 -14.00
CA TYR A 242 5.29 0.33 -14.36
C TYR A 242 6.17 0.72 -15.55
N LEU A 243 5.57 1.28 -16.60
CA LEU A 243 6.34 1.70 -17.76
C LEU A 243 7.34 2.81 -17.43
N ILE A 244 6.94 3.80 -16.64
CA ILE A 244 7.89 4.83 -16.24
C ILE A 244 9.11 4.23 -15.61
N SER A 245 8.89 3.29 -14.67
CA SER A 245 10.00 2.71 -13.95
C SER A 245 10.81 1.76 -14.84
N GLN A 246 10.15 0.81 -15.48
CA GLN A 246 10.79 -0.35 -16.09
C GLN A 246 10.96 -0.25 -17.58
N GLY A 247 10.22 0.66 -18.22
CA GLY A 247 10.24 0.80 -19.66
C GLY A 247 9.51 -0.33 -20.37
N GLY A 248 9.35 -0.17 -21.67
CA GLY A 248 8.74 -1.18 -22.52
C GLY A 248 8.08 -0.51 -23.70
N THR A 249 7.60 -1.33 -24.62
CA THR A 249 6.83 -0.85 -25.76
C THR A 249 5.45 -1.45 -25.63
N HIS A 250 4.42 -0.60 -25.56
CA HIS A 250 3.07 -1.00 -25.18
C HIS A 250 2.13 -0.35 -26.16
N TYR A 251 1.34 -1.18 -26.86
CA TYR A 251 0.51 -0.72 -27.99
C TYR A 251 1.34 0.12 -28.96
N GLY A 252 2.58 -0.32 -29.20
CA GLY A 252 3.45 0.31 -30.17
C GLY A 252 4.18 1.55 -29.70
N VAL A 253 3.96 2.00 -28.47
CA VAL A 253 4.58 3.20 -27.94
C VAL A 253 5.71 2.81 -27.01
N SER A 254 6.92 3.28 -27.31
CA SER A 254 8.11 2.91 -26.55
C SER A 254 8.37 3.86 -25.41
N VAL A 255 8.64 3.31 -24.23
CA VAL A 255 8.93 4.09 -23.04
C VAL A 255 10.31 3.71 -22.54
N VAL A 256 11.16 4.71 -22.33
CA VAL A 256 12.46 4.48 -21.71
C VAL A 256 12.30 4.51 -20.18
N GLY A 257 12.62 3.40 -19.52
CA GLY A 257 12.46 3.36 -18.08
C GLY A 257 13.48 4.21 -17.36
N ILE A 258 13.06 4.77 -16.22
CA ILE A 258 13.91 5.62 -15.39
C ILE A 258 14.15 5.06 -14.00
N GLY A 259 13.55 3.91 -13.67
CA GLY A 259 13.77 3.25 -12.40
C GLY A 259 12.76 3.61 -11.32
N ARG A 260 12.71 2.74 -10.30
CA ARG A 260 11.72 2.82 -9.25
C ARG A 260 11.86 4.07 -8.42
N ASP A 261 13.11 4.44 -8.10
CA ASP A 261 13.31 5.57 -7.19
C ASP A 261 12.73 6.84 -7.78
N LYS A 262 13.01 7.07 -9.07
CA LYS A 262 12.48 8.27 -9.72
C LYS A 262 10.98 8.20 -9.91
N LEU A 263 10.43 7.02 -10.20
CA LEU A 263 8.98 6.86 -10.20
C LEU A 263 8.40 7.31 -8.88
N GLY A 264 8.96 6.82 -7.76
CA GLY A 264 8.43 7.16 -6.46
C GLY A 264 8.51 8.65 -6.18
N LYS A 265 9.64 9.28 -6.57
CA LYS A 265 9.77 10.73 -6.34
C LYS A 265 8.73 11.51 -7.13
N ILE A 266 8.51 11.11 -8.38
CA ILE A 266 7.57 11.83 -9.24
C ILE A 266 6.17 11.70 -8.70
N PHE A 267 5.76 10.48 -8.37
CA PHE A 267 4.39 10.27 -7.92
C PHE A 267 4.17 10.80 -6.52
N TYR A 268 5.18 10.75 -5.63
CA TYR A 268 5.01 11.34 -4.32
C TYR A 268 4.79 12.84 -4.45
N ARG A 269 5.59 13.51 -5.28
CA ARG A 269 5.42 14.95 -5.48
C ARG A 269 4.07 15.25 -6.11
N ALA A 270 3.66 14.45 -7.11
CA ALA A 270 2.36 14.69 -7.71
C ALA A 270 1.25 14.59 -6.67
N LEU A 271 1.31 13.55 -5.84
CA LEU A 271 0.29 13.29 -4.83
C LEU A 271 0.19 14.44 -3.85
N THR A 272 1.34 14.95 -3.41
CA THR A 272 1.39 15.89 -2.30
C THR A 272 1.41 17.35 -2.71
N GLN A 273 1.71 17.66 -3.96
CA GLN A 273 1.77 19.05 -4.41
C GLN A 273 0.78 19.41 -5.49
N TYR A 274 0.28 18.47 -6.28
CA TYR A 274 -0.48 18.85 -7.46
C TYR A 274 -1.88 18.24 -7.54
N LEU A 275 -2.07 17.01 -7.11
CA LEU A 275 -3.39 16.39 -7.22
C LEU A 275 -4.36 17.01 -6.23
N THR A 276 -5.64 16.92 -6.57
CA THR A 276 -6.73 17.44 -5.74
C THR A 276 -7.78 16.37 -5.61
N PRO A 277 -8.83 16.61 -4.82
CA PRO A 277 -9.79 15.51 -4.58
C PRO A 277 -10.45 15.02 -5.83
N THR A 278 -10.62 15.87 -6.84
CA THR A 278 -11.36 15.50 -8.03
C THR A 278 -10.48 15.27 -9.26
N SER A 279 -9.17 15.16 -9.10
CA SER A 279 -8.31 14.95 -10.26
C SER A 279 -8.73 13.73 -11.08
N ASN A 280 -8.70 13.89 -12.39
CA ASN A 280 -8.91 12.79 -13.33
C ASN A 280 -7.59 12.35 -13.95
N PHE A 281 -7.66 11.35 -14.82
CA PHE A 281 -6.43 10.77 -15.36
C PHE A 281 -5.60 11.80 -16.12
N SER A 282 -6.26 12.65 -16.93
CA SER A 282 -5.54 13.67 -17.69
C SER A 282 -4.83 14.63 -16.74
N GLN A 283 -5.49 14.97 -15.62
CA GLN A 283 -4.88 15.86 -14.63
C GLN A 283 -3.75 15.17 -13.89
N LEU A 284 -3.83 13.86 -13.70
CA LEU A 284 -2.70 13.14 -13.15
C LEU A 284 -1.51 13.19 -14.10
N ARG A 285 -1.74 12.98 -15.39
CA ARG A 285 -0.65 13.13 -16.35
C ARG A 285 0.03 14.49 -16.20
N ALA A 286 -0.77 15.54 -16.13
CA ALA A 286 -0.21 16.89 -16.01
C ALA A 286 0.56 17.06 -14.71
N ALA A 287 0.03 16.51 -13.62
CA ALA A 287 0.70 16.57 -12.33
C ALA A 287 2.05 15.83 -12.35
N ALA A 288 2.09 14.66 -13.01
CA ALA A 288 3.32 13.91 -13.09
C ALA A 288 4.34 14.60 -13.98
N VAL A 289 3.89 15.19 -15.09
CA VAL A 289 4.80 15.97 -15.95
C VAL A 289 5.38 17.14 -15.18
N GLN A 290 4.54 17.87 -14.46
CA GLN A 290 5.04 19.01 -13.70
C GLN A 290 6.00 18.56 -12.61
N SER A 291 5.68 17.46 -11.92
CA SER A 291 6.52 16.96 -10.86
C SER A 291 7.88 16.56 -11.38
N ALA A 292 7.91 15.84 -12.50
CA ALA A 292 9.18 15.46 -13.11
C ALA A 292 9.96 16.68 -13.59
N THR A 293 9.25 17.70 -14.06
CA THR A 293 9.91 18.93 -14.47
C THR A 293 10.58 19.61 -13.27
N ASP A 294 9.85 19.72 -12.16
CA ASP A 294 10.42 20.30 -10.93
C ASP A 294 11.67 19.54 -10.50
N LEU A 295 11.63 18.20 -10.53
CA LEU A 295 12.70 17.39 -9.98
C LEU A 295 13.90 17.28 -10.90
N TYR A 296 13.68 17.24 -12.24
CA TYR A 296 14.69 16.79 -13.18
C TYR A 296 14.90 17.75 -14.34
N GLY A 297 14.00 18.69 -14.56
CA GLY A 297 14.11 19.70 -15.59
C GLY A 297 13.27 19.38 -16.81
N SER A 298 12.87 20.43 -17.52
CA SER A 298 11.92 20.26 -18.63
C SER A 298 12.48 19.42 -19.77
N THR A 299 13.79 19.47 -20.01
CA THR A 299 14.37 18.73 -21.12
C THR A 299 14.88 17.36 -20.72
N SER A 300 14.54 16.90 -19.53
CA SER A 300 15.10 15.68 -19.01
C SER A 300 14.47 14.44 -19.65
N GLN A 301 15.22 13.33 -19.58
CA GLN A 301 14.66 12.03 -19.93
C GLN A 301 13.45 11.70 -19.07
N GLU A 302 13.49 12.07 -17.78
CA GLU A 302 12.41 11.70 -16.86
C GLU A 302 11.09 12.29 -17.31
N VAL A 303 11.08 13.56 -17.70
CA VAL A 303 9.87 14.18 -18.26
C VAL A 303 9.44 13.49 -19.54
N ALA A 304 10.37 13.26 -20.46
CA ALA A 304 10.02 12.60 -21.71
C ALA A 304 9.39 11.22 -21.46
N SER A 305 9.92 10.48 -20.49
CA SER A 305 9.40 9.13 -20.21
C SER A 305 8.03 9.17 -19.57
N VAL A 306 7.74 10.17 -18.72
CA VAL A 306 6.41 10.31 -18.17
C VAL A 306 5.42 10.49 -19.32
N LYS A 307 5.76 11.35 -20.29
CA LYS A 307 4.86 11.60 -21.40
C LYS A 307 4.65 10.34 -22.23
N GLN A 308 5.72 9.59 -22.51
N GLN A 308 5.74 9.62 -22.51
CA GLN A 308 5.55 8.38 -23.32
CA GLN A 308 5.70 8.36 -23.26
C GLN A 308 4.71 7.35 -22.58
C GLN A 308 4.76 7.36 -22.58
N ALA A 309 4.88 7.23 -21.26
CA ALA A 309 4.13 6.23 -20.53
C ALA A 309 2.63 6.54 -20.56
N PHE A 310 2.26 7.80 -20.34
CA PHE A 310 0.85 8.15 -20.42
C PHE A 310 0.34 8.04 -21.86
N ASP A 311 1.17 8.37 -22.86
CA ASP A 311 0.76 8.12 -24.24
C ASP A 311 0.48 6.63 -24.46
N ALA A 312 1.36 5.76 -23.92
CA ALA A 312 1.23 4.33 -24.14
C ALA A 312 -0.09 3.77 -23.61
N VAL A 313 -0.61 4.34 -22.52
CA VAL A 313 -1.89 3.91 -21.96
C VAL A 313 -3.05 4.78 -22.41
N GLY A 314 -2.84 5.67 -23.38
CA GLY A 314 -3.94 6.42 -23.96
C GLY A 314 -4.48 7.58 -23.15
N VAL A 315 -3.66 8.16 -22.26
CA VAL A 315 -4.07 9.26 -21.41
C VAL A 315 -3.35 10.51 -21.88
N LYS A 316 -4.11 11.49 -22.36
CA LYS A 316 -3.56 12.75 -22.82
C LYS A 316 -3.76 13.87 -21.84
ZN ZN B . -7.18 0.26 -1.91
CA CA C . 3.79 -7.70 -4.59
CA CA D . 3.21 -15.09 23.94
CA CA E . 6.44 -10.28 -3.69
CA CA F . -2.04 -17.74 -4.91
S DMS G . -6.09 1.38 -28.29
O DMS G . -6.73 1.58 -29.62
C1 DMS G . -6.31 -0.36 -27.89
C2 DMS G . -4.34 1.28 -28.68
S DMS H . 5.70 4.46 26.40
O DMS H . 5.44 5.05 27.77
C1 DMS H . 4.94 5.60 25.21
C2 DMS H . 7.42 4.89 26.01
S DMS I . 16.65 2.38 -8.95
O DMS I . 15.59 3.39 -9.11
C1 DMS I . 18.13 3.26 -8.38
C2 DMS I . 16.31 1.34 -7.51
S DMS J . -13.41 -17.77 12.99
O DMS J . -12.16 -18.59 13.07
C1 DMS J . -13.73 -17.38 11.24
C2 DMS J . -14.81 -18.86 13.32
C1 MPD K . -14.64 -2.64 2.18
C2 MPD K . -15.77 -2.76 3.22
O2 MPD K . -15.94 -4.21 3.46
CM MPD K . -15.37 -2.09 4.55
C3 MPD K . -17.17 -2.24 2.84
C4 MPD K . -17.76 -2.71 1.51
O4 MPD K . -17.72 -4.13 1.41
C5 MPD K . -19.19 -2.18 1.32
C3 8L2 L . -10.53 -1.44 0.30
C8 8L2 L . -13.29 2.47 1.11
C9 8L2 L . -13.63 2.74 2.56
C10 8L2 L . -13.70 4.05 3.07
C11 8L2 L . -14.00 4.30 4.40
C12 8L2 L . -14.26 3.21 5.23
C13 8L2 L . -14.18 1.89 4.75
C14 8L2 L . -13.85 1.67 3.42
C16 8L2 L . -7.52 -3.73 -1.15
C19 8L2 L . -5.45 -7.02 -0.87
C20 8L2 L . -4.55 -4.73 -1.54
C21 8L2 L . -8.28 -4.16 -2.40
N23 8L2 L . -9.56 -4.58 -2.18
C24 8L2 L . -10.47 -5.08 -3.20
N26 8L2 L . -9.60 -7.32 -3.34
N26 8L2 L . -11.21 -7.26 -4.16
P2 8L2 L . -8.79 -1.51 -0.21
O1 8L2 L . -7.96 -0.70 0.75
N4 8L2 L . -10.87 -0.10 0.73
C5 8L2 L . -12.07 0.47 0.55
O6 8L2 L . -13.03 -0.07 0.07
O7 8L2 L . -12.04 1.77 0.98
N15 8L2 L . -8.45 -3.18 -0.13
C17 8L2 L . -6.83 -4.94 -0.53
C18 8L2 L . -5.78 -5.61 -1.40
O22 8L2 L . -7.77 -4.18 -3.52
O27 8L2 L . -8.63 -1.07 -1.64
C28 8L2 L . -11.82 -4.39 -3.01
O29 8L2 L . -12.11 -3.81 -2.00
O30 8L2 L . -12.62 -4.48 -4.05
C25 8L2 L . -10.79 -6.56 -3.08
C25 8L2 L . -10.49 -6.61 -3.08
#